data_1T7M
#
_entry.id   1T7M
#
_cell.length_a   55.591
_cell.length_b   66.641
_cell.length_c   72.484
_cell.angle_alpha   90.00
_cell.angle_beta   90.00
_cell.angle_gamma   90.00
#
_symmetry.space_group_name_H-M   'P 21 21 21'
#
loop_
_entity.id
_entity.type
_entity.pdbx_description
1 polymer 'Androgen receptor'
2 polymer 'FxxYF motif peptide'
3 non-polymer 'SULFATE ION'
4 non-polymer 5-ALPHA-DIHYDROTESTOSTERONE
5 non-polymer 1,2-ETHANEDIOL
6 water water
#
loop_
_entity_poly.entity_id
_entity_poly.type
_entity_poly.pdbx_seq_one_letter_code
_entity_poly.pdbx_strand_id
1 'polypeptide(L)'
;GSPGISGGGGGSHIEGYECQPIFLNVLEAIEPGVVCAGHDNNQPDSFAALLSSLNELGERQLVHVVKWAKALPGFRNLHV
DDQMAVIQYSWMGLMVFAMGWRSFTNVNSRMLYFAPDLVFNEYRMHKSRMYSQCVRMRHLSQEFGWLQITPQEFLCMKAL
LLFSIIPVDGLKNQKFFDELRMNYIKELDRIIACKRKNPTSCSRRFYQLTKLLDSVQPIARELHQFTFDLLIKSHMVSVD
FPEMMAEIISVQVPKILSGKVKPIYFHTQ
;
A
2 'polypeptide(L)' SSNTPRFKEYFMQSRSGSGK B
#
loop_
_chem_comp.id
_chem_comp.type
_chem_comp.name
_chem_comp.formula
DHT non-polymer 5-ALPHA-DIHYDROTESTOSTERONE 'C19 H30 O2'
EDO non-polymer 1,2-ETHANEDIOL 'C2 H6 O2'
SO4 non-polymer 'SULFATE ION' 'O4 S -2'
#
# COMPACT_ATOMS: atom_id res chain seq x y z
N GLN A 20 -9.34 19.33 -15.99
CA GLN A 20 -8.02 20.01 -15.91
C GLN A 20 -6.94 19.06 -15.41
N PRO A 21 -5.66 19.44 -15.59
CA PRO A 21 -4.55 18.60 -15.15
C PRO A 21 -4.20 18.87 -13.69
N ILE A 22 -4.96 19.73 -13.03
CA ILE A 22 -4.68 20.07 -11.64
C ILE A 22 -4.53 18.87 -10.74
N PHE A 23 -5.52 17.99 -10.74
CA PHE A 23 -5.48 16.80 -9.89
C PHE A 23 -4.23 15.97 -10.16
N LEU A 24 -3.96 15.67 -11.43
CA LEU A 24 -2.78 14.89 -11.76
C LEU A 24 -1.50 15.63 -11.47
N ASN A 25 -1.51 16.96 -11.63
CA ASN A 25 -0.33 17.74 -11.33
C ASN A 25 0.02 17.49 -9.86
N VAL A 26 -0.99 17.53 -9.00
CA VAL A 26 -0.78 17.32 -7.58
C VAL A 26 -0.25 15.93 -7.26
N LEU A 27 -0.89 14.90 -7.81
CA LEU A 27 -0.47 13.53 -7.53
C LEU A 27 0.97 13.27 -7.97
N GLU A 28 1.36 13.82 -9.12
CA GLU A 28 2.72 13.63 -9.60
C GLU A 28 3.70 14.38 -8.72
N ALA A 29 3.28 15.56 -8.26
CA ALA A 29 4.12 16.40 -7.42
C ALA A 29 4.43 15.80 -6.06
N ILE A 30 3.45 15.12 -5.47
CA ILE A 30 3.64 14.56 -4.13
C ILE A 30 4.14 13.11 -4.08
N GLU A 31 4.32 12.49 -5.24
CA GLU A 31 4.77 11.10 -5.27
C GLU A 31 6.13 10.94 -4.59
N PRO A 32 6.21 10.04 -3.60
CA PRO A 32 7.46 9.79 -2.87
C PRO A 32 8.63 9.36 -3.76
N GLY A 33 9.82 9.77 -3.37
CA GLY A 33 11.00 9.42 -4.13
C GLY A 33 11.52 8.07 -3.67
N VAL A 34 12.76 7.76 -4.06
CA VAL A 34 13.41 6.51 -3.71
C VAL A 34 13.67 6.40 -2.22
N VAL A 35 13.45 5.20 -1.67
CA VAL A 35 13.66 4.93 -0.26
C VAL A 35 14.48 3.66 -0.10
N CYS A 36 15.60 3.75 0.60
CA CYS A 36 16.45 2.58 0.83
C CYS A 36 16.08 1.89 2.13
N ALA A 37 16.30 0.58 2.17
CA ALA A 37 15.99 -0.23 3.35
C ALA A 37 17.12 -0.21 4.38
N GLY A 38 18.33 0.09 3.92
CA GLY A 38 19.47 0.11 4.82
C GLY A 38 19.99 -1.30 5.04
N HIS A 39 19.62 -2.20 4.16
CA HIS A 39 20.02 -3.60 4.26
C HIS A 39 21.48 -3.83 3.92
N ASP A 40 22.14 -4.63 4.76
CA ASP A 40 23.54 -4.98 4.54
C ASP A 40 23.57 -6.18 3.61
N ASN A 41 23.80 -5.93 2.33
CA ASN A 41 23.83 -7.01 1.36
C ASN A 41 25.04 -7.93 1.46
N ASN A 42 25.94 -7.63 2.38
CA ASN A 42 27.13 -8.45 2.59
C ASN A 42 26.83 -9.59 3.56
N GLN A 43 25.74 -9.46 4.30
CA GLN A 43 25.35 -10.48 5.25
C GLN A 43 24.53 -11.57 4.55
N PRO A 44 24.51 -12.78 5.12
CA PRO A 44 23.76 -13.89 4.53
C PRO A 44 22.26 -13.60 4.41
N ASP A 45 21.61 -14.30 3.48
CA ASP A 45 20.18 -14.11 3.28
C ASP A 45 19.40 -14.97 4.27
N SER A 46 19.43 -14.57 5.54
CA SER A 46 18.71 -15.31 6.56
C SER A 46 17.33 -14.71 6.77
N PHE A 47 16.44 -15.50 7.36
CA PHE A 47 15.09 -15.05 7.65
C PHE A 47 15.14 -13.80 8.50
N ALA A 48 15.91 -13.84 9.59
CA ALA A 48 16.03 -12.71 10.50
C ALA A 48 16.52 -11.43 9.84
N ALA A 49 17.58 -11.55 9.05
CA ALA A 49 18.14 -10.39 8.38
C ALA A 49 17.21 -9.79 7.34
N LEU A 50 16.60 -10.63 6.52
CA LEU A 50 15.70 -10.15 5.49
C LEU A 50 14.45 -9.50 6.04
N LEU A 51 13.81 -10.15 7.02
CA LEU A 51 12.60 -9.59 7.59
C LEU A 51 12.87 -8.37 8.46
N SER A 52 14.02 -8.32 9.12
CA SER A 52 14.32 -7.15 9.92
C SER A 52 14.51 -5.95 8.98
N SER A 53 15.10 -6.20 7.81
CA SER A 53 15.30 -5.13 6.85
C SER A 53 13.98 -4.72 6.19
N LEU A 54 13.09 -5.68 5.95
CA LEU A 54 11.80 -5.36 5.37
C LEU A 54 11.00 -4.51 6.35
N ASN A 55 11.13 -4.82 7.64
CA ASN A 55 10.43 -4.06 8.69
C ASN A 55 10.97 -2.64 8.75
N GLU A 56 12.28 -2.49 8.66
CA GLU A 56 12.90 -1.17 8.69
C GLU A 56 12.42 -0.38 7.45
N LEU A 57 12.39 -1.05 6.30
CA LEU A 57 11.92 -0.39 5.09
C LEU A 57 10.48 0.07 5.30
N GLY A 58 9.69 -0.77 5.95
CA GLY A 58 8.31 -0.42 6.22
C GLY A 58 8.19 0.86 7.02
N GLU A 59 9.02 0.99 8.07
CA GLU A 59 9.01 2.18 8.92
C GLU A 59 9.41 3.40 8.11
N ARG A 60 10.44 3.25 7.29
CA ARG A 60 10.92 4.35 6.45
C ARG A 60 9.87 4.78 5.43
N GLN A 61 9.20 3.80 4.81
CA GLN A 61 8.16 4.12 3.85
C GLN A 61 6.90 4.68 4.52
N LEU A 62 6.64 4.26 5.75
CA LEU A 62 5.47 4.73 6.49
C LEU A 62 5.56 6.24 6.66
N VAL A 63 6.77 6.72 6.92
CA VAL A 63 7.00 8.15 7.09
C VAL A 63 6.61 8.91 5.82
N HIS A 64 6.98 8.37 4.66
CA HIS A 64 6.64 9.00 3.38
C HIS A 64 5.15 8.87 3.04
N VAL A 65 4.53 7.78 3.47
CA VAL A 65 3.10 7.60 3.22
C VAL A 65 2.33 8.67 4.00
N VAL A 66 2.79 8.94 5.22
CA VAL A 66 2.14 9.94 6.05
C VAL A 66 2.20 11.33 5.39
N LYS A 67 3.39 11.71 4.95
CA LYS A 67 3.56 13.02 4.32
C LYS A 67 2.83 13.13 3.00
N TRP A 68 2.83 12.03 2.25
CA TRP A 68 2.14 11.97 0.97
C TRP A 68 0.64 12.13 1.19
N ALA A 69 0.09 11.34 2.11
CA ALA A 69 -1.34 11.36 2.41
C ALA A 69 -1.82 12.73 2.86
N LYS A 70 -1.10 13.35 3.78
CA LYS A 70 -1.51 14.67 4.27
C LYS A 70 -1.54 15.73 3.19
N ALA A 71 -0.84 15.48 2.08
CA ALA A 71 -0.79 16.43 0.96
C ALA A 71 -1.77 16.11 -0.17
N LEU A 72 -2.58 15.08 0.00
CA LEU A 72 -3.55 14.70 -1.03
C LEU A 72 -4.76 15.64 -1.05
N PRO A 73 -5.29 15.93 -2.25
CA PRO A 73 -6.45 16.81 -2.35
C PRO A 73 -7.59 16.33 -1.44
N GLY A 74 -8.09 17.23 -0.61
CA GLY A 74 -9.19 16.91 0.28
C GLY A 74 -8.97 16.04 1.50
N PHE A 75 -7.76 15.50 1.66
CA PHE A 75 -7.47 14.61 2.77
C PHE A 75 -7.70 15.27 4.13
N ARG A 76 -7.33 16.54 4.24
CA ARG A 76 -7.49 17.26 5.50
C ARG A 76 -8.93 17.53 5.88
N ASN A 77 -9.85 17.25 4.96
CA ASN A 77 -11.27 17.45 5.25
C ASN A 77 -11.76 16.34 6.19
N LEU A 78 -11.02 15.23 6.23
CA LEU A 78 -11.40 14.12 7.11
C LEU A 78 -11.07 14.49 8.55
N HIS A 79 -11.79 13.89 9.49
CA HIS A 79 -11.53 14.13 10.90
C HIS A 79 -10.10 13.64 11.09
N VAL A 80 -9.34 14.36 11.91
CA VAL A 80 -7.94 13.98 12.13
C VAL A 80 -7.75 12.53 12.59
N ASP A 81 -8.67 12.01 13.38
CA ASP A 81 -8.54 10.62 13.83
C ASP A 81 -8.78 9.64 12.68
N ASP A 82 -9.61 10.04 11.73
CA ASP A 82 -9.87 9.18 10.57
C ASP A 82 -8.69 9.24 9.62
N GLN A 83 -8.04 10.40 9.56
CA GLN A 83 -6.86 10.58 8.72
C GLN A 83 -5.81 9.57 9.15
N MET A 84 -5.58 9.49 10.46
CA MET A 84 -4.60 8.56 10.99
C MET A 84 -5.04 7.12 10.80
N ALA A 85 -6.32 6.86 11.04
CA ALA A 85 -6.85 5.51 10.88
C ALA A 85 -6.71 4.94 9.48
N VAL A 86 -7.11 5.70 8.46
CA VAL A 86 -6.99 5.15 7.11
C VAL A 86 -5.55 4.87 6.69
N ILE A 87 -4.61 5.66 7.19
CA ILE A 87 -3.21 5.41 6.87
C ILE A 87 -2.79 4.11 7.56
N GLN A 88 -3.21 3.94 8.81
CA GLN A 88 -2.85 2.75 9.57
C GLN A 88 -3.49 1.46 9.03
N TYR A 89 -4.61 1.59 8.33
CA TYR A 89 -5.26 0.41 7.78
C TYR A 89 -4.77 0.07 6.38
N SER A 90 -4.50 1.10 5.60
CA SER A 90 -4.11 0.88 4.20
C SER A 90 -2.66 0.87 3.79
N TRP A 91 -1.75 1.16 4.71
CA TRP A 91 -0.34 1.21 4.34
C TRP A 91 0.20 -0.03 3.65
N MET A 92 -0.26 -1.21 4.05
CA MET A 92 0.25 -2.43 3.44
C MET A 92 -0.09 -2.47 1.96
N GLY A 93 -1.37 -2.26 1.64
CA GLY A 93 -1.81 -2.25 0.25
C GLY A 93 -1.10 -1.18 -0.55
N LEU A 94 -1.00 0.01 0.02
CA LEU A 94 -0.33 1.13 -0.66
C LEU A 94 1.12 0.81 -1.00
N MET A 95 1.83 0.27 -0.02
CA MET A 95 3.24 -0.07 -0.21
C MET A 95 3.46 -1.23 -1.17
N VAL A 96 2.55 -2.20 -1.15
CA VAL A 96 2.68 -3.35 -2.04
C VAL A 96 2.44 -2.91 -3.48
N PHE A 97 1.40 -2.09 -3.68
CA PHE A 97 1.05 -1.59 -5.01
C PHE A 97 2.22 -0.78 -5.57
N ALA A 98 2.79 0.11 -4.76
CA ALA A 98 3.90 0.93 -5.20
C ALA A 98 5.14 0.08 -5.48
N MET A 99 5.35 -0.96 -4.69
CA MET A 99 6.51 -1.83 -4.89
C MET A 99 6.33 -2.59 -6.20
N GLY A 100 5.09 -2.98 -6.49
CA GLY A 100 4.83 -3.70 -7.72
C GLY A 100 5.13 -2.82 -8.92
N TRP A 101 4.85 -1.53 -8.79
CA TRP A 101 5.12 -0.60 -9.88
C TRP A 101 6.63 -0.44 -10.07
N ARG A 102 7.36 -0.31 -8.95
CA ARG A 102 8.81 -0.17 -9.01
C ARG A 102 9.42 -1.39 -9.66
N SER A 103 8.90 -2.56 -9.31
CA SER A 103 9.42 -3.81 -9.86
C SER A 103 9.17 -3.89 -11.36
N PHE A 104 8.00 -3.46 -11.79
CA PHE A 104 7.63 -3.46 -13.21
C PHE A 104 8.52 -2.54 -14.03
N THR A 105 8.69 -1.31 -13.54
CA THR A 105 9.47 -0.29 -14.23
C THR A 105 10.99 -0.51 -14.13
N ASN A 106 11.44 -1.11 -13.04
CA ASN A 106 12.87 -1.32 -12.85
C ASN A 106 13.43 -2.63 -13.38
N VAL A 107 12.87 -3.75 -12.94
CA VAL A 107 13.36 -5.05 -13.38
C VAL A 107 12.31 -5.84 -14.17
N ASN A 108 11.45 -5.11 -14.87
CA ASN A 108 10.40 -5.70 -15.68
C ASN A 108 9.63 -6.77 -14.91
N SER A 109 9.37 -6.51 -13.63
CA SER A 109 8.65 -7.45 -12.78
C SER A 109 9.38 -8.78 -12.63
N ARG A 110 10.65 -8.83 -13.02
CA ARG A 110 11.41 -10.07 -12.94
C ARG A 110 11.68 -10.47 -11.50
N MET A 111 12.02 -9.49 -10.67
CA MET A 111 12.26 -9.75 -9.26
C MET A 111 11.47 -8.70 -8.49
N LEU A 112 11.37 -8.84 -7.17
CA LEU A 112 10.65 -7.87 -6.37
C LEU A 112 11.61 -6.78 -5.91
N TYR A 113 11.37 -5.55 -6.40
CA TYR A 113 12.21 -4.41 -6.09
C TYR A 113 11.68 -3.64 -4.88
N PHE A 114 11.90 -4.19 -3.69
CA PHE A 114 11.45 -3.55 -2.46
C PHE A 114 12.16 -2.20 -2.30
N ALA A 115 13.46 -2.21 -2.53
CA ALA A 115 14.28 -1.01 -2.45
C ALA A 115 15.53 -1.24 -3.29
N PRO A 116 16.25 -0.17 -3.66
CA PRO A 116 17.46 -0.31 -4.47
C PRO A 116 18.46 -1.25 -3.81
N ASP A 117 18.47 -1.24 -2.49
CA ASP A 117 19.38 -2.08 -1.71
C ASP A 117 18.70 -3.32 -1.12
N LEU A 118 17.51 -3.65 -1.61
CA LEU A 118 16.80 -4.83 -1.13
C LEU A 118 15.93 -5.38 -2.25
N VAL A 119 16.56 -6.10 -3.16
CA VAL A 119 15.89 -6.71 -4.30
C VAL A 119 15.84 -8.20 -4.07
N PHE A 120 14.63 -8.76 -4.12
CA PHE A 120 14.43 -10.18 -3.88
C PHE A 120 14.54 -11.07 -5.10
N ASN A 121 15.38 -12.09 -5.00
CA ASN A 121 15.53 -13.09 -6.06
C ASN A 121 14.81 -14.32 -5.52
N GLU A 122 14.84 -15.42 -6.26
CA GLU A 122 14.15 -16.64 -5.82
C GLU A 122 14.65 -17.15 -4.47
N TYR A 123 15.96 -17.05 -4.25
CA TYR A 123 16.55 -17.52 -3.01
C TYR A 123 16.00 -16.72 -1.83
N ARG A 124 15.97 -15.41 -1.97
CA ARG A 124 15.46 -14.56 -0.89
C ARG A 124 13.97 -14.79 -0.67
N MET A 125 13.24 -15.06 -1.75
CA MET A 125 11.81 -15.33 -1.62
C MET A 125 11.64 -16.55 -0.71
N HIS A 126 12.47 -17.56 -0.91
CA HIS A 126 12.41 -18.76 -0.10
C HIS A 126 12.86 -18.52 1.34
N LYS A 127 14.02 -17.86 1.50
CA LYS A 127 14.56 -17.60 2.83
C LYS A 127 13.69 -16.70 3.69
N SER A 128 12.91 -15.83 3.04
CA SER A 128 12.02 -14.90 3.74
C SER A 128 10.82 -15.63 4.30
N ARG A 129 10.63 -16.88 3.87
CA ARG A 129 9.52 -17.72 4.30
C ARG A 129 8.15 -17.24 3.86
N MET A 130 8.12 -16.36 2.87
CA MET A 130 6.83 -15.89 2.33
C MET A 130 6.92 -15.95 0.81
N TYR A 131 7.42 -17.08 0.32
CA TYR A 131 7.57 -17.30 -1.10
C TYR A 131 6.23 -17.17 -1.83
N SER A 132 5.19 -17.81 -1.30
CA SER A 132 3.88 -17.75 -1.94
C SER A 132 3.37 -16.32 -2.02
N GLN A 133 3.56 -15.54 -0.97
CA GLN A 133 3.11 -14.16 -0.98
C GLN A 133 3.93 -13.36 -1.99
N CYS A 134 5.21 -13.68 -2.12
CA CYS A 134 6.06 -12.98 -3.08
C CYS A 134 5.62 -13.32 -4.50
N VAL A 135 5.16 -14.55 -4.70
CA VAL A 135 4.69 -14.97 -6.00
C VAL A 135 3.46 -14.12 -6.37
N ARG A 136 2.57 -13.91 -5.41
CA ARG A 136 1.38 -13.10 -5.66
C ARG A 136 1.75 -11.66 -5.95
N MET A 137 2.73 -11.14 -5.23
CA MET A 137 3.16 -9.77 -5.46
C MET A 137 3.77 -9.62 -6.84
N ARG A 138 4.48 -10.65 -7.29
CA ARG A 138 5.08 -10.61 -8.62
C ARG A 138 3.97 -10.60 -9.67
N HIS A 139 2.92 -11.38 -9.44
CA HIS A 139 1.78 -11.44 -10.35
C HIS A 139 1.15 -10.05 -10.47
N LEU A 140 1.04 -9.36 -9.34
CA LEU A 140 0.47 -8.01 -9.32
C LEU A 140 1.36 -7.08 -10.13
N SER A 141 2.67 -7.18 -9.91
CA SER A 141 3.63 -6.37 -10.63
C SER A 141 3.49 -6.57 -12.14
N GLN A 142 3.34 -7.81 -12.56
CA GLN A 142 3.21 -8.11 -13.98
C GLN A 142 1.94 -7.53 -14.61
N GLU A 143 0.89 -7.37 -13.80
CA GLU A 143 -0.35 -6.82 -14.29
C GLU A 143 -0.18 -5.40 -14.84
N PHE A 144 0.77 -4.66 -14.27
CA PHE A 144 1.02 -3.31 -14.75
C PHE A 144 1.47 -3.40 -16.20
N GLY A 145 2.18 -4.48 -16.53
CA GLY A 145 2.64 -4.65 -17.89
C GLY A 145 1.55 -5.19 -18.80
N TRP A 146 0.85 -6.23 -18.36
CA TRP A 146 -0.22 -6.82 -19.17
C TRP A 146 -1.34 -5.85 -19.50
N LEU A 147 -1.68 -4.98 -18.55
CA LEU A 147 -2.75 -4.00 -18.75
C LEU A 147 -2.24 -2.69 -19.32
N GLN A 148 -0.93 -2.56 -19.47
CA GLN A 148 -0.34 -1.34 -19.99
C GLN A 148 -0.82 -0.14 -19.18
N ILE A 149 -0.65 -0.24 -17.86
CA ILE A 149 -1.05 0.83 -16.95
C ILE A 149 -0.16 2.05 -17.17
N THR A 150 -0.78 3.22 -17.29
CA THR A 150 0.00 4.45 -17.48
C THR A 150 0.37 5.01 -16.11
N PRO A 151 1.39 5.88 -16.06
CA PRO A 151 1.78 6.45 -14.76
C PRO A 151 0.61 7.18 -14.10
N GLN A 152 -0.22 7.82 -14.92
CA GLN A 152 -1.37 8.56 -14.41
C GLN A 152 -2.40 7.61 -13.80
N GLU A 153 -2.65 6.48 -14.46
CA GLU A 153 -3.60 5.51 -13.94
C GLU A 153 -3.07 4.92 -12.64
N PHE A 154 -1.76 4.66 -12.61
CA PHE A 154 -1.12 4.13 -11.41
C PHE A 154 -1.28 5.11 -10.26
N LEU A 155 -0.99 6.38 -10.51
CA LEU A 155 -1.11 7.39 -9.46
C LEU A 155 -2.51 7.51 -8.88
N CYS A 156 -3.51 7.54 -9.75
CA CYS A 156 -4.88 7.66 -9.28
C CYS A 156 -5.33 6.40 -8.54
N MET A 157 -4.93 5.24 -9.05
CA MET A 157 -5.31 4.00 -8.39
C MET A 157 -4.68 3.93 -7.01
N LYS A 158 -3.43 4.36 -6.90
CA LYS A 158 -2.75 4.31 -5.61
C LYS A 158 -3.43 5.23 -4.60
N ALA A 159 -3.82 6.42 -5.06
CA ALA A 159 -4.50 7.35 -4.16
C ALA A 159 -5.80 6.69 -3.66
N LEU A 160 -6.54 6.05 -4.57
CA LEU A 160 -7.79 5.41 -4.19
C LEU A 160 -7.58 4.29 -3.15
N LEU A 161 -6.42 3.64 -3.18
CA LEU A 161 -6.15 2.58 -2.21
C LEU A 161 -6.14 3.11 -0.77
N LEU A 162 -5.77 4.36 -0.59
CA LEU A 162 -5.76 4.95 0.74
C LEU A 162 -7.18 4.98 1.31
N PHE A 163 -8.17 5.04 0.42
CA PHE A 163 -9.58 5.10 0.80
C PHE A 163 -10.34 3.81 0.52
N SER A 164 -9.64 2.68 0.63
CA SER A 164 -10.27 1.40 0.34
C SER A 164 -10.39 0.40 1.48
N ILE A 165 -10.21 0.86 2.72
CA ILE A 165 -10.35 -0.02 3.88
C ILE A 165 -10.80 0.79 5.09
N ILE A 166 -11.94 0.40 5.67
CA ILE A 166 -12.50 1.10 6.82
C ILE A 166 -13.18 0.18 7.82
N PRO A 167 -13.48 0.71 9.03
CA PRO A 167 -14.14 -0.06 10.08
C PRO A 167 -15.57 -0.38 9.63
N VAL A 168 -16.05 -1.57 9.96
CA VAL A 168 -17.40 -1.97 9.57
C VAL A 168 -18.42 -1.03 10.22
N ASP A 169 -18.09 -0.56 11.42
CA ASP A 169 -18.97 0.35 12.14
C ASP A 169 -18.83 1.79 11.68
N GLY A 170 -17.84 2.03 10.81
CA GLY A 170 -17.64 3.38 10.27
C GLY A 170 -16.57 4.21 10.96
N LEU A 171 -16.21 5.30 10.30
CA LEU A 171 -15.21 6.24 10.81
C LEU A 171 -15.86 7.30 11.70
N LYS A 172 -15.04 8.19 12.25
CA LYS A 172 -15.53 9.27 13.11
C LYS A 172 -16.52 10.13 12.32
N ASN A 173 -16.15 10.46 11.09
CA ASN A 173 -17.01 11.23 10.20
C ASN A 173 -17.05 10.50 8.88
N GLN A 174 -17.87 9.46 8.83
CA GLN A 174 -18.00 8.63 7.64
C GLN A 174 -18.49 9.37 6.40
N LYS A 175 -19.39 10.31 6.57
CA LYS A 175 -19.91 11.05 5.43
C LYS A 175 -18.83 11.80 4.66
N PHE A 176 -17.90 12.42 5.38
CA PHE A 176 -16.81 13.13 4.72
C PHE A 176 -15.94 12.15 3.96
N PHE A 177 -15.72 10.97 4.54
CA PHE A 177 -14.92 9.96 3.87
C PHE A 177 -15.62 9.44 2.60
N ASP A 178 -16.91 9.17 2.70
CA ASP A 178 -17.65 8.66 1.54
C ASP A 178 -17.61 9.65 0.38
N GLU A 179 -17.68 10.94 0.70
CA GLU A 179 -17.63 11.99 -0.32
C GLU A 179 -16.26 12.01 -0.98
N LEU A 180 -15.22 11.94 -0.16
CA LEU A 180 -13.85 11.96 -0.68
C LEU A 180 -13.56 10.74 -1.56
N ARG A 181 -13.96 9.57 -1.09
CA ARG A 181 -13.73 8.34 -1.84
C ARG A 181 -14.43 8.46 -3.19
N MET A 182 -15.66 8.96 -3.17
CA MET A 182 -16.41 9.13 -4.42
C MET A 182 -15.66 10.04 -5.39
N ASN A 183 -15.09 11.13 -4.87
CA ASN A 183 -14.37 12.05 -5.73
C ASN A 183 -13.12 11.42 -6.35
N TYR A 184 -12.45 10.54 -5.61
CA TYR A 184 -11.26 9.88 -6.16
C TYR A 184 -11.66 8.86 -7.23
N ILE A 185 -12.83 8.25 -7.09
CA ILE A 185 -13.29 7.30 -8.09
C ILE A 185 -13.62 8.12 -9.34
N LYS A 186 -14.18 9.31 -9.11
CA LYS A 186 -14.53 10.21 -10.21
C LYS A 186 -13.26 10.59 -10.97
N GLU A 187 -12.18 10.88 -10.25
CA GLU A 187 -10.92 11.26 -10.87
C GLU A 187 -10.34 10.12 -11.70
N LEU A 188 -10.53 8.88 -11.23
CA LEU A 188 -10.02 7.72 -11.97
C LEU A 188 -10.82 7.58 -13.25
N ASP A 189 -12.12 7.85 -13.16
CA ASP A 189 -12.99 7.76 -14.32
C ASP A 189 -12.56 8.81 -15.35
N ARG A 190 -12.19 9.99 -14.87
CA ARG A 190 -11.74 11.07 -15.76
C ARG A 190 -10.44 10.76 -16.48
N ILE A 191 -9.49 10.16 -15.77
CA ILE A 191 -8.20 9.81 -16.32
C ILE A 191 -8.36 8.79 -17.44
N ILE A 192 -9.40 7.97 -17.34
CA ILE A 192 -9.67 6.96 -18.35
C ILE A 192 -10.34 7.59 -19.57
N ALA A 193 -11.32 8.46 -19.33
CA ALA A 193 -12.04 9.13 -20.40
C ALA A 193 -11.19 10.18 -21.10
N CYS A 194 -10.02 10.47 -20.54
CA CYS A 194 -9.12 11.47 -21.10
C CYS A 194 -8.70 11.15 -22.54
N LYS A 195 -8.21 9.94 -22.77
CA LYS A 195 -7.77 9.56 -24.11
C LYS A 195 -8.65 8.49 -24.75
N ARG A 196 -9.96 8.58 -24.54
CA ARG A 196 -10.90 7.62 -25.09
C ARG A 196 -12.22 8.27 -25.49
N LYS A 197 -12.55 8.18 -26.78
CA LYS A 197 -13.79 8.77 -27.28
C LYS A 197 -14.95 7.80 -27.08
N ASN A 198 -14.73 6.54 -27.44
CA ASN A 198 -15.76 5.51 -27.30
C ASN A 198 -16.03 5.21 -25.83
N PRO A 199 -17.30 5.30 -25.41
CA PRO A 199 -17.69 5.04 -24.03
C PRO A 199 -17.57 3.56 -23.64
N THR A 200 -17.69 2.67 -24.62
CA THR A 200 -17.58 1.24 -24.38
C THR A 200 -16.16 0.85 -24.00
N SER A 201 -15.18 1.56 -24.56
CA SER A 201 -13.78 1.27 -24.25
C SER A 201 -13.46 1.81 -22.87
N CYS A 202 -14.10 2.91 -22.49
CA CYS A 202 -13.89 3.50 -21.18
C CYS A 202 -14.42 2.52 -20.12
N SER A 203 -15.58 1.93 -20.42
CA SER A 203 -16.18 0.97 -19.50
C SER A 203 -15.30 -0.26 -19.32
N ARG A 204 -14.69 -0.71 -20.41
CA ARG A 204 -13.81 -1.88 -20.34
C ARG A 204 -12.58 -1.58 -19.50
N ARG A 205 -12.02 -0.38 -19.67
CA ARG A 205 -10.83 0.02 -18.92
C ARG A 205 -11.15 0.18 -17.44
N PHE A 206 -12.29 0.78 -17.14
CA PHE A 206 -12.68 0.98 -15.75
C PHE A 206 -12.88 -0.36 -15.07
N TYR A 207 -13.43 -1.33 -15.81
CA TYR A 207 -13.65 -2.65 -15.26
C TYR A 207 -12.30 -3.26 -14.92
N GLN A 208 -11.36 -3.15 -15.86
CA GLN A 208 -10.01 -3.68 -15.67
C GLN A 208 -9.31 -3.06 -14.47
N LEU A 209 -9.37 -1.74 -14.35
CA LEU A 209 -8.70 -1.07 -13.26
C LEU A 209 -9.30 -1.37 -11.89
N THR A 210 -10.62 -1.46 -11.81
CA THR A 210 -11.25 -1.77 -10.54
C THR A 210 -10.94 -3.21 -10.14
N LYS A 211 -10.82 -4.09 -11.14
CA LYS A 211 -10.49 -5.49 -10.87
C LYS A 211 -9.06 -5.55 -10.31
N LEU A 212 -8.17 -4.76 -10.90
CA LEU A 212 -6.78 -4.70 -10.44
C LEU A 212 -6.72 -4.19 -9.00
N LEU A 213 -7.45 -3.10 -8.74
CA LEU A 213 -7.48 -2.54 -7.38
C LEU A 213 -7.98 -3.56 -6.36
N ASP A 214 -9.03 -4.28 -6.71
CA ASP A 214 -9.57 -5.30 -5.81
C ASP A 214 -8.51 -6.36 -5.52
N SER A 215 -7.76 -6.75 -6.56
CA SER A 215 -6.75 -7.80 -6.41
C SER A 215 -5.66 -7.49 -5.41
N VAL A 216 -5.50 -6.22 -5.06
CA VAL A 216 -4.48 -5.84 -4.09
C VAL A 216 -4.87 -6.29 -2.70
N GLN A 217 -6.16 -6.24 -2.40
CA GLN A 217 -6.62 -6.58 -1.06
C GLN A 217 -6.31 -8.00 -0.55
N PRO A 218 -6.55 -9.04 -1.36
CA PRO A 218 -6.24 -10.39 -0.85
C PRO A 218 -4.76 -10.56 -0.56
N ILE A 219 -3.92 -9.87 -1.33
CA ILE A 219 -2.47 -9.95 -1.13
C ILE A 219 -2.13 -9.25 0.19
N ALA A 220 -2.68 -8.06 0.39
CA ALA A 220 -2.43 -7.31 1.61
C ALA A 220 -2.89 -8.13 2.81
N ARG A 221 -4.01 -8.83 2.67
CA ARG A 221 -4.54 -9.65 3.74
C ARG A 221 -3.56 -10.76 4.13
N GLU A 222 -2.95 -11.41 3.14
CA GLU A 222 -1.98 -12.46 3.45
C GLU A 222 -0.77 -11.89 4.17
N LEU A 223 -0.36 -10.68 3.77
CA LEU A 223 0.78 -10.03 4.41
C LEU A 223 0.42 -9.56 5.81
N HIS A 224 -0.84 -9.15 6.01
CA HIS A 224 -1.29 -8.73 7.34
C HIS A 224 -1.18 -9.92 8.29
N GLN A 225 -1.65 -11.08 7.83
CA GLN A 225 -1.60 -12.28 8.63
C GLN A 225 -0.16 -12.67 8.95
N PHE A 226 0.68 -12.63 7.93
CA PHE A 226 2.08 -12.99 8.10
C PHE A 226 2.83 -12.08 9.08
N THR A 227 2.67 -10.76 8.93
CA THR A 227 3.37 -9.85 9.81
C THR A 227 2.84 -9.91 11.24
N PHE A 228 1.55 -10.20 11.40
CA PHE A 228 0.98 -10.31 12.74
C PHE A 228 1.59 -11.51 13.44
N ASP A 229 1.59 -12.65 12.78
CA ASP A 229 2.16 -13.87 13.36
C ASP A 229 3.64 -13.67 13.65
N LEU A 230 4.31 -12.94 12.76
CA LEU A 230 5.74 -12.70 12.93
C LEU A 230 6.00 -11.80 14.13
N LEU A 231 5.19 -10.78 14.32
CA LEU A 231 5.37 -9.88 15.46
C LEU A 231 5.20 -10.64 16.78
N ILE A 232 4.20 -11.52 16.82
CA ILE A 232 3.94 -12.29 18.04
C ILE A 232 5.11 -13.19 18.43
N LYS A 233 5.84 -13.70 17.45
CA LYS A 233 6.98 -14.58 17.74
C LYS A 233 8.33 -13.97 17.37
N SER A 234 8.35 -12.66 17.14
CA SER A 234 9.56 -11.95 16.74
C SER A 234 10.75 -12.17 17.67
N HIS A 235 10.48 -12.23 18.97
CA HIS A 235 11.52 -12.43 19.97
C HIS A 235 12.16 -13.81 19.86
N MET A 236 11.41 -14.78 19.35
CA MET A 236 11.91 -16.14 19.22
C MET A 236 12.65 -16.40 17.91
N VAL A 237 12.45 -15.52 16.93
CA VAL A 237 13.11 -15.69 15.63
C VAL A 237 14.13 -14.59 15.31
N SER A 238 14.43 -13.75 16.30
CA SER A 238 15.40 -12.67 16.15
C SER A 238 15.04 -11.64 15.07
N VAL A 239 13.76 -11.35 14.92
CA VAL A 239 13.31 -10.37 13.94
C VAL A 239 12.95 -9.07 14.65
N ASP A 240 13.56 -7.97 14.22
CA ASP A 240 13.31 -6.68 14.83
C ASP A 240 12.18 -5.89 14.15
N PHE A 241 11.34 -5.28 14.97
CA PHE A 241 10.23 -4.45 14.48
C PHE A 241 10.42 -3.04 15.01
N PRO A 242 10.46 -2.03 14.12
CA PRO A 242 10.62 -0.64 14.59
C PRO A 242 9.39 -0.25 15.41
N GLU A 243 9.50 0.82 16.19
CA GLU A 243 8.40 1.28 17.04
C GLU A 243 7.02 1.46 16.41
N MET A 244 6.93 2.30 15.39
CA MET A 244 5.64 2.54 14.76
C MET A 244 5.05 1.30 14.12
N MET A 245 5.90 0.49 13.48
CA MET A 245 5.40 -0.73 12.86
C MET A 245 4.79 -1.65 13.91
N ALA A 246 5.53 -1.90 15.01
CA ALA A 246 5.03 -2.77 16.08
C ALA A 246 3.69 -2.25 16.62
N GLU A 247 3.61 -0.93 16.77
CA GLU A 247 2.41 -0.25 17.27
C GLU A 247 1.19 -0.54 16.39
N ILE A 248 1.29 -0.15 15.13
CA ILE A 248 0.20 -0.33 14.18
C ILE A 248 -0.14 -1.78 13.90
N ILE A 249 0.86 -2.66 13.94
CA ILE A 249 0.59 -4.06 13.66
C ILE A 249 -0.09 -4.77 14.82
N SER A 250 0.15 -4.29 16.04
CA SER A 250 -0.47 -4.91 17.21
C SER A 250 -1.81 -4.27 17.55
N VAL A 251 -2.06 -3.05 17.07
CA VAL A 251 -3.31 -2.37 17.37
C VAL A 251 -4.33 -2.37 16.23
N GLN A 252 -3.88 -2.08 15.02
CA GLN A 252 -4.81 -2.01 13.89
C GLN A 252 -4.92 -3.28 13.06
N VAL A 253 -3.79 -3.95 12.81
CA VAL A 253 -3.84 -5.17 12.01
C VAL A 253 -4.79 -6.23 12.58
N PRO A 254 -4.82 -6.41 13.92
CA PRO A 254 -5.73 -7.42 14.47
C PRO A 254 -7.20 -7.07 14.20
N LYS A 255 -7.50 -5.79 14.06
CA LYS A 255 -8.87 -5.37 13.77
C LYS A 255 -9.25 -5.82 12.37
N ILE A 256 -8.26 -5.88 11.48
CA ILE A 256 -8.51 -6.32 10.11
C ILE A 256 -8.68 -7.84 10.12
N LEU A 257 -7.79 -8.54 10.82
CA LEU A 257 -7.82 -9.98 10.88
C LEU A 257 -9.05 -10.54 11.61
N SER A 258 -9.63 -9.74 12.52
CA SER A 258 -10.81 -10.18 13.25
C SER A 258 -12.10 -9.73 12.58
N GLY A 259 -11.97 -9.03 11.44
CA GLY A 259 -13.14 -8.59 10.72
C GLY A 259 -13.80 -7.28 11.14
N LYS A 260 -13.18 -6.56 12.05
CA LYS A 260 -13.75 -5.28 12.50
C LYS A 260 -13.47 -4.19 11.48
N VAL A 261 -12.42 -4.39 10.68
CA VAL A 261 -12.05 -3.45 9.64
C VAL A 261 -11.93 -4.27 8.37
N LYS A 262 -12.62 -3.83 7.32
CA LYS A 262 -12.64 -4.55 6.06
C LYS A 262 -12.36 -3.72 4.83
N PRO A 263 -11.82 -4.33 3.78
CA PRO A 263 -11.52 -3.61 2.55
C PRO A 263 -12.84 -3.29 1.84
N ILE A 264 -12.84 -2.26 1.00
CA ILE A 264 -14.02 -1.91 0.24
C ILE A 264 -13.75 -2.46 -1.15
N TYR A 265 -14.46 -3.51 -1.55
CA TYR A 265 -14.28 -4.10 -2.85
C TYR A 265 -15.25 -3.50 -3.87
N PHE A 266 -14.80 -3.37 -5.11
CA PHE A 266 -15.68 -2.86 -6.17
C PHE A 266 -16.59 -3.98 -6.62
N HIS A 267 -16.00 -5.15 -6.85
CA HIS A 267 -16.73 -6.32 -7.32
C HIS A 267 -16.95 -7.36 -6.22
N THR A 268 -17.94 -8.22 -6.43
CA THR A 268 -18.24 -9.28 -5.48
C THR A 268 -17.17 -10.35 -5.56
N SER B 2 -4.47 7.24 23.39
CA SER B 2 -4.31 6.58 22.06
C SER B 2 -3.52 5.28 22.17
N ASN B 3 -3.92 4.28 21.38
CA ASN B 3 -3.26 2.98 21.38
C ASN B 3 -1.99 3.02 20.54
N THR B 4 -1.86 4.06 19.72
CA THR B 4 -0.68 4.22 18.87
C THR B 4 -0.10 5.62 19.09
N PRO B 5 0.45 5.85 20.29
CA PRO B 5 1.06 7.12 20.70
C PRO B 5 2.24 7.55 19.83
N ARG B 6 3.05 6.60 19.38
CA ARG B 6 4.20 6.94 18.55
C ARG B 6 3.79 7.45 17.17
N PHE B 7 2.88 6.72 16.54
CA PHE B 7 2.41 7.11 15.23
C PHE B 7 1.72 8.47 15.34
N LYS B 8 0.87 8.61 16.35
CA LYS B 8 0.13 9.85 16.56
C LYS B 8 1.06 11.04 16.76
N GLU B 9 2.11 10.85 17.55
CA GLU B 9 3.08 11.91 17.78
C GLU B 9 3.77 12.37 16.50
N TYR B 10 4.16 11.41 15.67
CA TYR B 10 4.82 11.72 14.41
C TYR B 10 3.83 12.41 13.48
N PHE B 11 2.62 11.87 13.40
CA PHE B 11 1.58 12.43 12.56
C PHE B 11 1.25 13.86 12.97
N MET B 12 1.08 14.08 14.27
CA MET B 12 0.75 15.42 14.76
C MET B 12 1.85 16.45 14.59
N GLN B 13 3.07 15.99 14.36
CA GLN B 13 4.16 16.94 14.16
C GLN B 13 4.05 17.42 12.72
S SO4 C . 17.46 -19.00 8.07
O1 SO4 C . 17.01 -17.96 7.12
O2 SO4 C . 17.66 -18.40 9.40
O3 SO4 C . 18.74 -19.57 7.59
O4 SO4 C . 16.44 -20.05 8.15
C1 DHT D . 7.86 -2.80 2.87
C2 DHT D . 7.68 -1.72 1.80
C3 DHT D . 7.47 -2.47 0.44
O3 DHT D . 8.15 -2.14 -0.51
C4 DHT D . 6.46 -3.57 0.40
C5 DHT D . 6.73 -4.63 1.50
C6 DHT D . 5.68 -5.81 1.49
C7 DHT D . 6.03 -6.82 2.57
C8 DHT D . 6.06 -6.19 4.00
C9 DHT D . 7.10 -5.01 4.01
C10 DHT D . 6.77 -3.90 2.93
C11 DHT D . 7.14 -4.40 5.45
C12 DHT D . 7.44 -5.38 6.58
C13 DHT D . 6.52 -6.62 6.55
C14 DHT D . 6.48 -7.21 5.09
C15 DHT D . 5.60 -8.47 5.27
C16 DHT D . 6.14 -9.04 6.61
C17 DHT D . 6.98 -7.89 7.24
O17 DHT D . 6.78 -7.87 8.66
C18 DHT D . 5.08 -6.19 7.04
C19 DHT D . 5.37 -3.25 3.27
C1 EDO E . 6.83 11.79 0.78
O1 EDO E . 8.16 12.29 0.66
C2 EDO E . 5.84 12.85 0.30
O2 EDO E . 6.12 13.18 -1.05
C1 EDO F . 8.85 -23.60 -0.83
O1 EDO F . 7.98 -23.71 0.29
C2 EDO F . 9.04 -22.13 -1.19
O2 EDO F . 9.62 -21.44 -0.08
#